data_3KPH
#
_entry.id   3KPH
#
_cell.length_a   181.865
_cell.length_b   181.865
_cell.length_c   181.865
_cell.angle_alpha   90.000
_cell.angle_beta   90.000
_cell.angle_gamma   90.000
#
_symmetry.space_group_name_H-M   'P 41 3 2'
#
loop_
_entity.id
_entity.type
_entity.pdbx_description
1 polymer Superantigen
2 non-polymer 'PHOSPHATE ION'
3 water water
#
_entity_poly.entity_id   1
_entity_poly.type   'polypeptide(L)'
_entity_poly.pdbx_seq_one_letter_code
;GPLGSMKLRVENPKKAQKHFVQNLNNVVFTNKELEDIYNLSNKEETKEVLKLFKLKVNQFYRHAFGIVNDYNGLLEYKEI
FNMMFLKLSVVFDTQRKEANNVEQIKRNIAILDEIMAKADNDLSYFISQNKNFQELWDKAVKLTKEMKIKLKGQKLDLRD
GEVAINKVRELFGSDKNVKELWWFRSLLVKGVYLIKRYYEGDIELATTSDFAKAVFE
;
_entity_poly.pdbx_strand_id   A,B
#
loop_
_chem_comp.id
_chem_comp.type
_chem_comp.name
_chem_comp.formula
PO4 non-polymer 'PHOSPHATE ION' 'O4 P -3'
#
# COMPACT_ATOMS: atom_id res chain seq x y z
N GLN A 22 -13.76 -6.15 9.02
CA GLN A 22 -13.03 -7.23 9.74
C GLN A 22 -13.98 -8.09 10.57
N ASN A 23 -14.30 -9.27 10.04
CA ASN A 23 -15.20 -10.20 10.71
C ASN A 23 -14.50 -10.89 11.87
N LEU A 24 -15.04 -10.67 13.06
CA LEU A 24 -14.48 -11.22 14.30
C LEU A 24 -15.37 -10.75 15.46
N ASN A 25 -16.69 -10.80 15.29
CA ASN A 25 -17.60 -10.31 16.33
C ASN A 25 -18.55 -11.30 17.05
N ASN A 26 -19.84 -10.97 17.07
CA ASN A 26 -20.88 -11.76 17.74
C ASN A 26 -21.19 -13.12 17.12
N VAL A 27 -20.23 -13.68 16.40
CA VAL A 27 -20.42 -15.00 15.80
C VAL A 27 -19.62 -16.03 16.59
N VAL A 28 -18.62 -15.54 17.32
CA VAL A 28 -17.75 -16.39 18.12
C VAL A 28 -18.18 -16.44 19.59
N PHE A 29 -18.39 -17.65 20.09
CA PHE A 29 -18.82 -17.88 21.45
C PHE A 29 -17.81 -17.45 22.50
N THR A 30 -18.28 -16.71 23.50
CA THR A 30 -17.42 -16.23 24.58
C THR A 30 -16.97 -17.42 25.41
N ASN A 31 -15.94 -17.23 26.23
CA ASN A 31 -15.47 -18.33 27.06
C ASN A 31 -16.49 -18.65 28.14
N LYS A 32 -17.43 -17.73 28.35
CA LYS A 32 -18.48 -17.94 29.32
C LYS A 32 -19.43 -18.96 28.69
N GLU A 33 -19.91 -18.64 27.49
CA GLU A 33 -20.81 -19.50 26.74
C GLU A 33 -20.20 -20.89 26.54
N LEU A 34 -18.91 -20.95 26.23
CA LEU A 34 -18.24 -22.24 26.04
C LEU A 34 -18.26 -23.06 27.32
N GLU A 35 -18.07 -22.38 28.45
CA GLU A 35 -18.06 -23.07 29.74
C GLU A 35 -19.45 -23.60 30.07
N ASP A 36 -20.48 -22.82 29.73
CA ASP A 36 -21.86 -23.24 29.96
C ASP A 36 -22.09 -24.58 29.25
N ILE A 37 -21.71 -24.63 27.98
CA ILE A 37 -21.86 -25.83 27.17
C ILE A 37 -21.08 -27.01 27.71
N TYR A 38 -19.89 -26.76 28.23
CA TYR A 38 -19.08 -27.82 28.78
C TYR A 38 -19.76 -28.47 29.98
N ASN A 39 -20.43 -27.64 30.77
CA ASN A 39 -21.13 -28.09 31.97
C ASN A 39 -22.10 -29.24 31.71
N LEU A 40 -23.02 -29.04 30.78
CA LEU A 40 -24.01 -30.06 30.44
C LEU A 40 -23.45 -31.49 30.43
N SER A 41 -22.16 -31.62 30.17
CA SER A 41 -21.51 -32.93 30.16
C SER A 41 -21.14 -33.31 31.60
N ASN A 42 -22.14 -33.33 32.48
CA ASN A 42 -21.91 -33.64 33.90
C ASN A 42 -21.77 -35.11 34.31
N LYS A 43 -22.37 -36.04 33.56
CA LYS A 43 -22.23 -37.45 33.93
C LYS A 43 -20.74 -37.80 34.05
N GLU A 44 -20.44 -38.97 34.59
CA GLU A 44 -19.04 -39.33 34.77
C GLU A 44 -18.32 -40.03 33.62
N GLU A 45 -19.03 -40.77 32.77
CA GLU A 45 -18.36 -41.43 31.66
C GLU A 45 -18.06 -40.40 30.57
N THR A 46 -19.01 -39.49 30.38
CA THR A 46 -18.91 -38.41 29.40
C THR A 46 -17.88 -37.39 29.89
N LYS A 47 -16.97 -37.84 30.75
CA LYS A 47 -15.96 -36.95 31.32
C LYS A 47 -14.60 -36.99 30.64
N GLU A 48 -14.10 -38.17 30.29
CA GLU A 48 -12.81 -38.24 29.64
C GLU A 48 -12.92 -37.83 28.17
N VAL A 49 -14.13 -37.90 27.64
CA VAL A 49 -14.40 -37.53 26.26
C VAL A 49 -14.53 -36.01 26.25
N LEU A 50 -15.16 -35.48 27.30
CA LEU A 50 -15.34 -34.05 27.44
C LEU A 50 -13.98 -33.37 27.51
N LYS A 51 -12.94 -34.13 27.89
CA LYS A 51 -11.60 -33.55 27.96
C LYS A 51 -11.11 -33.34 26.52
N LEU A 52 -11.33 -34.34 25.68
CA LEU A 52 -10.92 -34.27 24.28
C LEU A 52 -11.72 -33.22 23.52
N PHE A 53 -13.04 -33.21 23.74
CA PHE A 53 -13.89 -32.22 23.08
C PHE A 53 -13.37 -30.82 23.42
N LYS A 54 -13.07 -30.60 24.70
CA LYS A 54 -12.58 -29.31 25.17
C LYS A 54 -11.29 -28.92 24.44
N LEU A 55 -10.47 -29.93 24.14
CA LEU A 55 -9.21 -29.71 23.46
C LEU A 55 -9.43 -29.30 22.02
N LYS A 56 -10.33 -30.02 21.34
CA LYS A 56 -10.66 -29.74 19.94
C LYS A 56 -11.21 -28.33 19.77
N VAL A 57 -12.14 -27.94 20.61
CA VAL A 57 -12.73 -26.61 20.50
C VAL A 57 -11.65 -25.53 20.60
N ASN A 58 -10.58 -25.84 21.32
CA ASN A 58 -9.48 -24.90 21.49
C ASN A 58 -8.66 -24.80 20.22
N GLN A 59 -8.29 -25.97 19.71
CA GLN A 59 -7.53 -26.04 18.49
C GLN A 59 -8.34 -25.32 17.41
N PHE A 60 -9.65 -25.45 17.48
CA PHE A 60 -10.55 -24.83 16.51
C PHE A 60 -10.42 -23.32 16.57
N TYR A 61 -10.54 -22.73 17.75
CA TYR A 61 -10.43 -21.28 17.88
C TYR A 61 -9.06 -20.81 17.38
N ARG A 62 -8.02 -21.52 17.77
CA ARG A 62 -6.65 -21.23 17.37
C ARG A 62 -6.61 -21.15 15.85
N HIS A 63 -7.04 -22.25 15.24
CA HIS A 63 -7.09 -22.40 13.80
C HIS A 63 -7.85 -21.26 13.13
N ALA A 64 -9.02 -20.95 13.68
CA ALA A 64 -9.87 -19.90 13.13
C ALA A 64 -9.22 -18.54 13.16
N PHE A 65 -8.73 -18.13 14.31
CA PHE A 65 -8.10 -16.82 14.41
C PHE A 65 -6.78 -16.79 13.68
N GLY A 66 -6.16 -17.95 13.52
CA GLY A 66 -4.92 -17.99 12.78
C GLY A 66 -5.25 -17.40 11.42
N ILE A 67 -6.35 -17.87 10.84
CA ILE A 67 -6.77 -17.39 9.52
C ILE A 67 -7.02 -15.89 9.51
N VAL A 68 -7.60 -15.35 10.57
CA VAL A 68 -7.91 -13.93 10.62
C VAL A 68 -6.72 -13.02 10.82
N ASN A 69 -5.55 -13.57 11.13
CA ASN A 69 -4.39 -12.72 11.35
C ASN A 69 -3.16 -13.21 10.61
N ASP A 70 -3.40 -13.98 9.56
CA ASP A 70 -2.32 -14.55 8.79
C ASP A 70 -2.81 -14.59 7.35
N TYR A 71 -4.05 -14.16 7.14
CA TYR A 71 -4.66 -14.17 5.82
C TYR A 71 -5.64 -13.03 5.60
N ASN A 72 -5.60 -12.02 6.47
CA ASN A 72 -6.48 -10.87 6.33
C ASN A 72 -6.22 -10.13 5.02
N GLY A 73 -5.13 -10.49 4.34
CA GLY A 73 -4.83 -9.84 3.08
C GLY A 73 -5.67 -10.46 2.00
N LEU A 74 -6.23 -11.62 2.30
CA LEU A 74 -7.08 -12.37 1.38
C LEU A 74 -8.52 -11.93 1.57
N LEU A 75 -9.11 -11.37 0.51
CA LEU A 75 -10.49 -10.86 0.57
C LEU A 75 -11.46 -11.85 1.19
N GLU A 76 -11.43 -13.08 0.70
CA GLU A 76 -12.32 -14.11 1.21
C GLU A 76 -12.04 -14.65 2.61
N TYR A 77 -11.19 -13.97 3.39
CA TYR A 77 -10.91 -14.49 4.72
C TYR A 77 -12.10 -14.38 5.68
N LYS A 78 -12.82 -13.26 5.63
CA LYS A 78 -13.97 -13.10 6.51
C LYS A 78 -14.99 -14.19 6.26
N GLU A 79 -15.25 -14.49 4.98
CA GLU A 79 -16.21 -15.54 4.59
C GLU A 79 -15.84 -16.83 5.29
N ILE A 80 -14.60 -17.26 5.07
CA ILE A 80 -14.07 -18.48 5.65
C ILE A 80 -14.20 -18.49 7.16
N PHE A 81 -13.80 -17.40 7.81
CA PHE A 81 -13.89 -17.33 9.27
C PHE A 81 -15.31 -17.58 9.72
N ASN A 82 -16.25 -16.82 9.14
CA ASN A 82 -17.66 -16.93 9.51
C ASN A 82 -18.27 -18.31 9.26
N MET A 83 -17.88 -18.97 8.17
CA MET A 83 -18.39 -20.29 7.88
C MET A 83 -17.99 -21.19 9.03
N MET A 84 -16.75 -21.03 9.47
CA MET A 84 -16.24 -21.86 10.55
C MET A 84 -17.10 -21.75 11.79
N PHE A 85 -17.46 -20.53 12.19
CA PHE A 85 -18.29 -20.39 13.37
C PHE A 85 -19.76 -20.71 13.13
N LEU A 86 -20.23 -20.56 11.90
CA LEU A 86 -21.59 -20.89 11.56
C LEU A 86 -21.70 -22.41 11.74
N LYS A 87 -20.79 -23.14 11.11
CA LYS A 87 -20.80 -24.61 11.21
C LYS A 87 -20.57 -25.08 12.63
N LEU A 88 -19.81 -24.31 13.40
CA LEU A 88 -19.50 -24.67 14.77
C LEU A 88 -20.77 -24.54 15.61
N SER A 89 -21.48 -23.43 15.44
CA SER A 89 -22.69 -23.17 16.19
C SER A 89 -23.63 -24.37 16.07
N VAL A 90 -23.69 -24.94 14.88
CA VAL A 90 -24.53 -26.09 14.64
C VAL A 90 -24.06 -27.29 15.45
N VAL A 91 -22.75 -27.50 15.51
CA VAL A 91 -22.25 -28.61 16.30
C VAL A 91 -22.57 -28.38 17.78
N PHE A 92 -22.57 -27.12 18.19
CA PHE A 92 -22.87 -26.82 19.57
C PHE A 92 -24.34 -27.17 19.88
N ASP A 93 -25.22 -26.99 18.90
CA ASP A 93 -26.63 -27.31 19.10
C ASP A 93 -26.76 -28.79 19.45
N THR A 94 -26.05 -29.64 18.71
CA THR A 94 -26.09 -31.07 18.98
C THR A 94 -25.57 -31.28 20.40
N GLN A 95 -24.33 -30.87 20.65
CA GLN A 95 -23.73 -31.02 21.97
C GLN A 95 -24.67 -30.57 23.09
N ARG A 96 -25.29 -29.40 22.92
CA ARG A 96 -26.20 -28.87 23.94
C ARG A 96 -27.29 -29.87 24.35
N LYS A 97 -27.88 -30.56 23.39
CA LYS A 97 -28.93 -31.51 23.71
C LYS A 97 -28.50 -32.97 23.58
N GLU A 98 -27.21 -33.23 23.81
CA GLU A 98 -26.66 -34.59 23.72
C GLU A 98 -25.35 -34.62 24.49
N ALA A 99 -25.18 -33.62 25.36
CA ALA A 99 -23.99 -33.41 26.18
C ALA A 99 -23.38 -34.64 26.85
N ASN A 100 -24.13 -35.73 26.91
CA ASN A 100 -23.63 -36.95 27.58
C ASN A 100 -23.53 -38.14 26.63
N ASN A 101 -23.84 -37.92 25.36
CA ASN A 101 -23.76 -38.98 24.38
C ASN A 101 -22.32 -39.07 23.90
N VAL A 102 -21.50 -39.87 24.58
CA VAL A 102 -20.10 -40.03 24.21
C VAL A 102 -19.85 -40.33 22.74
N GLU A 103 -20.57 -41.29 22.17
CA GLU A 103 -20.34 -41.62 20.76
C GLU A 103 -20.63 -40.44 19.83
N GLN A 104 -21.56 -39.58 20.25
CA GLN A 104 -21.94 -38.39 19.50
C GLN A 104 -20.85 -37.32 19.66
N ILE A 105 -20.32 -37.21 20.88
CA ILE A 105 -19.29 -36.23 21.16
C ILE A 105 -18.09 -36.58 20.28
N LYS A 106 -17.76 -37.87 20.26
CA LYS A 106 -16.63 -38.33 19.45
C LYS A 106 -16.80 -37.87 18.02
N ARG A 107 -18.01 -38.05 17.49
CA ARG A 107 -18.32 -37.66 16.12
C ARG A 107 -18.21 -36.16 15.95
N ASN A 108 -18.73 -35.41 16.94
CA ASN A 108 -18.66 -33.96 16.88
C ASN A 108 -17.20 -33.52 16.76
N ILE A 109 -16.33 -34.17 17.53
CA ILE A 109 -14.92 -33.87 17.49
C ILE A 109 -14.41 -34.10 16.07
N ALA A 110 -14.95 -35.11 15.40
CA ALA A 110 -14.57 -35.44 14.03
C ALA A 110 -15.08 -34.35 13.08
N ILE A 111 -16.27 -33.84 13.37
CA ILE A 111 -16.87 -32.79 12.55
C ILE A 111 -16.05 -31.50 12.65
N LEU A 112 -15.58 -31.17 13.85
CA LEU A 112 -14.78 -29.97 14.00
C LEU A 112 -13.53 -30.11 13.14
N ASP A 113 -12.97 -31.31 13.10
CA ASP A 113 -11.78 -31.57 12.30
C ASP A 113 -12.12 -31.41 10.81
N GLU A 114 -13.34 -31.78 10.45
CA GLU A 114 -13.76 -31.67 9.06
C GLU A 114 -13.99 -30.20 8.71
N ILE A 115 -14.45 -29.41 9.69
CA ILE A 115 -14.68 -28.00 9.45
C ILE A 115 -13.36 -27.27 9.20
N MET A 116 -12.35 -27.56 10.01
CA MET A 116 -11.07 -26.92 9.82
C MET A 116 -10.47 -27.33 8.47
N ALA A 117 -10.67 -28.58 8.11
CA ALA A 117 -10.16 -29.11 6.85
C ALA A 117 -10.71 -28.39 5.64
N LYS A 118 -11.98 -27.98 5.74
CA LYS A 118 -12.62 -27.27 4.63
C LYS A 118 -12.11 -25.83 4.57
N ALA A 119 -11.92 -25.23 5.75
CA ALA A 119 -11.44 -23.87 5.84
C ALA A 119 -10.08 -23.82 5.12
N ASP A 120 -9.23 -24.81 5.41
CA ASP A 120 -7.92 -24.87 4.78
C ASP A 120 -8.08 -25.06 3.27
N ASN A 121 -9.07 -25.85 2.87
CA ASN A 121 -9.32 -26.09 1.45
C ASN A 121 -9.67 -24.77 0.79
N ASP A 122 -10.60 -24.05 1.39
CA ASP A 122 -11.04 -22.77 0.86
C ASP A 122 -9.88 -21.79 0.75
N LEU A 123 -9.08 -21.72 1.80
CA LEU A 123 -7.93 -20.83 1.83
C LEU A 123 -7.00 -21.11 0.65
N SER A 124 -6.84 -22.38 0.30
CA SER A 124 -5.98 -22.77 -0.81
C SER A 124 -6.64 -22.47 -2.14
N TYR A 125 -7.90 -22.82 -2.25
CA TYR A 125 -8.60 -22.59 -3.48
C TYR A 125 -8.45 -21.14 -3.92
N PHE A 126 -8.78 -20.23 -3.01
CA PHE A 126 -8.71 -18.80 -3.31
C PHE A 126 -7.32 -18.34 -3.63
N ILE A 127 -6.38 -18.66 -2.76
CA ILE A 127 -5.02 -18.24 -3.00
C ILE A 127 -4.48 -18.71 -4.34
N SER A 128 -4.92 -19.87 -4.82
CA SER A 128 -4.44 -20.35 -6.12
C SER A 128 -5.30 -19.84 -7.28
N GLN A 129 -6.45 -19.26 -6.98
CA GLN A 129 -7.34 -18.72 -8.00
C GLN A 129 -6.91 -17.31 -8.32
N ASN A 130 -6.06 -16.75 -7.46
CA ASN A 130 -5.60 -15.38 -7.63
C ASN A 130 -4.17 -15.28 -8.21
N LYS A 131 -3.71 -16.27 -8.97
CA LYS A 131 -2.40 -16.25 -9.67
C LYS A 131 -1.04 -16.02 -8.98
N ASN A 132 -0.71 -14.75 -8.75
CA ASN A 132 0.56 -14.36 -8.16
C ASN A 132 0.54 -14.26 -6.63
N PHE A 133 -0.49 -14.78 -5.99
CA PHE A 133 -0.55 -14.67 -4.53
C PHE A 133 0.50 -15.50 -3.85
N GLN A 134 0.82 -16.68 -4.40
CA GLN A 134 1.85 -17.51 -3.79
C GLN A 134 3.17 -16.76 -3.92
N GLU A 135 3.44 -16.29 -5.13
CA GLU A 135 4.68 -15.56 -5.41
C GLU A 135 4.86 -14.38 -4.48
N LEU A 136 3.83 -13.55 -4.37
CA LEU A 136 3.92 -12.39 -3.51
C LEU A 136 4.14 -12.78 -2.05
N TRP A 137 3.52 -13.89 -1.61
CA TRP A 137 3.69 -14.36 -0.24
C TRP A 137 5.16 -14.71 -0.02
N ASP A 138 5.71 -15.54 -0.88
CA ASP A 138 7.11 -15.94 -0.78
C ASP A 138 7.95 -14.67 -0.67
N LYS A 139 7.75 -13.75 -1.61
CA LYS A 139 8.49 -12.49 -1.63
C LYS A 139 8.39 -11.71 -0.34
N ALA A 140 7.19 -11.63 0.23
CA ALA A 140 7.04 -10.90 1.47
C ALA A 140 7.84 -11.62 2.55
N VAL A 141 7.83 -12.95 2.49
CA VAL A 141 8.58 -13.75 3.46
C VAL A 141 10.07 -13.45 3.28
N LYS A 142 10.53 -13.54 2.03
CA LYS A 142 11.93 -13.28 1.70
C LYS A 142 12.41 -11.91 2.14
N LEU A 143 11.65 -10.87 1.83
CA LEU A 143 12.05 -9.53 2.20
C LEU A 143 12.00 -9.33 3.70
N THR A 144 11.05 -9.98 4.37
CA THR A 144 10.93 -9.86 5.83
C THR A 144 12.19 -10.45 6.45
N LYS A 145 12.55 -11.66 6.03
CA LYS A 145 13.76 -12.30 6.52
C LYS A 145 14.87 -11.25 6.43
N GLU A 146 15.03 -10.64 5.25
CA GLU A 146 16.04 -9.63 5.04
C GLU A 146 15.89 -8.44 5.97
N MET A 147 14.67 -8.11 6.34
CA MET A 147 14.46 -6.96 7.22
C MET A 147 15.05 -7.23 8.60
N LYS A 148 15.23 -8.51 8.92
CA LYS A 148 15.80 -8.88 10.20
C LYS A 148 17.22 -8.31 10.20
N ILE A 149 17.96 -8.56 9.13
CA ILE A 149 19.32 -8.06 9.02
C ILE A 149 19.35 -6.53 8.89
N LYS A 150 18.62 -6.00 7.90
CA LYS A 150 18.57 -4.56 7.66
C LYS A 150 18.16 -3.74 8.87
N LEU A 151 17.12 -4.17 9.58
CA LEU A 151 16.66 -3.42 10.74
C LEU A 151 17.37 -3.67 12.07
N LYS A 152 18.27 -4.66 12.09
CA LYS A 152 18.99 -4.96 13.33
C LYS A 152 19.51 -3.71 14.02
N GLY A 153 18.99 -3.45 15.21
CA GLY A 153 19.39 -2.29 15.97
C GLY A 153 19.15 -0.98 15.24
N GLN A 154 17.98 -0.85 14.61
CA GLN A 154 17.66 0.39 13.91
C GLN A 154 16.61 1.13 14.73
N LYS A 155 16.23 0.50 15.84
CA LYS A 155 15.23 1.02 16.76
C LYS A 155 14.08 1.72 16.06
N LEU A 156 13.42 0.97 15.18
CA LEU A 156 12.26 1.44 14.42
C LEU A 156 11.11 1.44 15.40
N ASP A 157 10.32 2.52 15.41
CA ASP A 157 9.21 2.60 16.34
C ASP A 157 8.15 3.60 15.89
N LEU A 158 7.29 3.17 14.97
CA LEU A 158 6.23 4.04 14.46
C LEU A 158 5.00 3.23 14.07
N ARG A 159 3.82 3.79 14.35
CA ARG A 159 2.55 3.15 14.03
C ARG A 159 1.93 3.79 12.81
N ASP A 160 1.39 2.95 11.94
CA ASP A 160 0.76 3.37 10.69
C ASP A 160 1.12 2.33 9.65
N GLY A 161 0.25 2.11 8.67
CA GLY A 161 0.58 1.18 7.61
C GLY A 161 1.51 1.98 6.72
N GLU A 162 1.31 3.30 6.77
CA GLU A 162 2.11 4.27 6.02
C GLU A 162 3.57 4.04 6.37
N VAL A 163 3.91 4.43 7.59
CA VAL A 163 5.27 4.29 8.09
C VAL A 163 5.83 2.92 7.77
N ALA A 164 5.04 1.89 8.02
CA ALA A 164 5.46 0.53 7.75
C ALA A 164 5.78 0.31 6.30
N ILE A 165 4.87 0.72 5.41
CA ILE A 165 5.12 0.51 3.99
C ILE A 165 6.22 1.45 3.47
N ASN A 166 6.30 2.65 4.04
CA ASN A 166 7.35 3.60 3.65
C ASN A 166 8.69 2.95 3.89
N LYS A 167 8.81 2.28 5.04
CA LYS A 167 10.06 1.62 5.39
C LYS A 167 10.41 0.58 4.35
N VAL A 168 9.44 -0.22 3.95
CA VAL A 168 9.71 -1.25 2.97
C VAL A 168 10.23 -0.62 1.67
N ARG A 169 9.65 0.50 1.28
CA ARG A 169 10.07 1.20 0.06
C ARG A 169 11.50 1.69 0.25
N GLU A 170 11.75 2.29 1.41
CA GLU A 170 13.05 2.82 1.77
C GLU A 170 14.14 1.75 1.80
N LEU A 171 13.78 0.51 2.10
CA LEU A 171 14.78 -0.54 2.17
C LEU A 171 14.92 -1.35 0.90
N PHE A 172 13.83 -1.58 0.18
CA PHE A 172 13.88 -2.37 -1.05
C PHE A 172 13.37 -1.66 -2.30
N GLY A 173 13.51 -0.34 -2.34
CA GLY A 173 13.04 0.43 -3.47
C GLY A 173 13.37 -0.13 -4.84
N SER A 174 14.37 -1.01 -4.89
CA SER A 174 14.80 -1.58 -6.14
C SER A 174 14.15 -2.91 -6.48
N ASP A 175 13.45 -3.51 -5.52
CA ASP A 175 12.82 -4.80 -5.76
C ASP A 175 11.68 -4.69 -6.76
N LYS A 176 11.61 -5.62 -7.70
CA LYS A 176 10.57 -5.61 -8.71
C LYS A 176 9.17 -5.50 -8.14
N ASN A 177 8.86 -6.31 -7.14
CA ASN A 177 7.53 -6.30 -6.55
C ASN A 177 7.19 -5.07 -5.71
N VAL A 178 8.07 -4.65 -4.81
CA VAL A 178 7.74 -3.47 -4.02
C VAL A 178 7.74 -2.22 -4.91
N LYS A 179 8.38 -2.35 -6.07
CA LYS A 179 8.46 -1.26 -7.04
C LYS A 179 7.06 -1.07 -7.63
N GLU A 180 6.51 -2.15 -8.17
CA GLU A 180 5.17 -2.11 -8.75
C GLU A 180 4.16 -1.69 -7.69
N LEU A 181 4.31 -2.19 -6.47
CA LEU A 181 3.38 -1.82 -5.42
C LEU A 181 3.45 -0.34 -5.12
N TRP A 182 4.65 0.21 -5.05
CA TRP A 182 4.80 1.63 -4.75
C TRP A 182 4.28 2.54 -5.87
N TRP A 183 4.51 2.15 -7.11
CA TRP A 183 4.06 2.88 -8.28
C TRP A 183 2.55 2.94 -8.32
N PHE A 184 1.94 1.76 -8.39
CA PHE A 184 0.49 1.63 -8.45
C PHE A 184 -0.13 2.29 -7.24
N ARG A 185 0.53 2.17 -6.10
CA ARG A 185 0.00 2.77 -4.88
C ARG A 185 -0.05 4.29 -5.01
N SER A 186 1.07 4.89 -5.37
CA SER A 186 1.16 6.34 -5.50
C SER A 186 0.08 6.91 -6.43
N LEU A 187 -0.16 6.23 -7.54
CA LEU A 187 -1.19 6.70 -8.46
C LEU A 187 -2.58 6.58 -7.84
N LEU A 188 -2.89 5.45 -7.23
CA LEU A 188 -4.20 5.26 -6.62
C LEU A 188 -4.48 6.33 -5.57
N VAL A 189 -3.51 6.57 -4.70
CA VAL A 189 -3.71 7.58 -3.67
C VAL A 189 -3.92 8.96 -4.30
N LYS A 190 -3.14 9.26 -5.34
CA LYS A 190 -3.27 10.54 -6.00
C LYS A 190 -4.65 10.62 -6.61
N GLY A 191 -5.13 9.50 -7.14
CA GLY A 191 -6.44 9.46 -7.77
C GLY A 191 -7.60 9.71 -6.82
N VAL A 192 -7.51 9.21 -5.60
CA VAL A 192 -8.60 9.37 -4.66
C VAL A 192 -8.57 10.76 -4.04
N TYR A 193 -7.40 11.36 -3.98
CA TYR A 193 -7.28 12.70 -3.41
C TYR A 193 -7.78 13.73 -4.38
N LEU A 194 -7.50 13.55 -5.67
CA LEU A 194 -7.98 14.56 -6.61
C LEU A 194 -9.48 14.44 -6.83
N ILE A 195 -10.02 13.23 -6.88
CA ILE A 195 -11.47 13.11 -7.06
C ILE A 195 -12.11 13.78 -5.85
N LYS A 196 -11.50 13.64 -4.68
CA LYS A 196 -12.05 14.26 -3.48
C LYS A 196 -12.05 15.77 -3.68
N ARG A 197 -10.93 16.31 -4.19
CA ARG A 197 -10.82 17.74 -4.44
C ARG A 197 -11.91 18.13 -5.41
N TYR A 198 -12.02 17.37 -6.49
CA TYR A 198 -13.04 17.58 -7.50
C TYR A 198 -14.40 17.82 -6.84
N TYR A 199 -14.82 16.88 -6.00
CA TYR A 199 -16.11 16.98 -5.33
C TYR A 199 -16.16 17.99 -4.19
N GLU A 200 -15.08 18.73 -3.99
CA GLU A 200 -15.06 19.75 -2.96
C GLU A 200 -15.07 21.07 -3.70
N GLY A 201 -15.54 21.03 -4.95
CA GLY A 201 -15.59 22.23 -5.77
C GLY A 201 -14.17 22.63 -6.12
N ASP A 202 -13.76 22.37 -7.35
CA ASP A 202 -12.40 22.72 -7.74
C ASP A 202 -12.23 22.86 -9.23
N ILE A 203 -12.23 21.70 -9.91
CA ILE A 203 -12.03 21.63 -11.36
C ILE A 203 -10.79 22.44 -11.73
N GLU A 204 -10.51 22.56 -13.03
CA GLU A 204 -9.31 23.26 -13.48
C GLU A 204 -8.21 22.25 -13.16
N LEU A 205 -8.63 21.17 -12.51
CA LEU A 205 -7.79 20.05 -12.09
C LEU A 205 -7.31 19.30 -13.32
N ALA A 206 -8.12 19.30 -14.36
CA ALA A 206 -7.78 18.61 -15.59
C ALA A 206 -6.40 18.98 -16.13
N THR A 207 -5.74 19.96 -15.50
CA THR A 207 -4.42 20.42 -15.93
C THR A 207 -3.48 20.60 -14.74
N THR A 208 -3.62 19.73 -13.75
CA THR A 208 -2.78 19.80 -12.58
C THR A 208 -1.68 18.74 -12.67
N SER A 209 -1.79 17.84 -13.65
CA SER A 209 -0.83 16.76 -13.85
C SER A 209 -1.29 15.93 -15.04
N ASP A 210 -0.38 15.15 -15.61
CA ASP A 210 -0.72 14.32 -16.75
C ASP A 210 -1.74 13.27 -16.34
N PHE A 211 -1.65 12.88 -15.07
CA PHE A 211 -2.55 11.89 -14.49
C PHE A 211 -3.97 12.45 -14.45
N ALA A 212 -4.11 13.62 -13.86
CA ALA A 212 -5.41 14.27 -13.75
C ALA A 212 -5.99 14.55 -15.14
N LYS A 213 -5.14 14.90 -16.09
CA LYS A 213 -5.62 15.18 -17.44
C LYS A 213 -6.22 13.92 -18.04
N ALA A 214 -5.53 12.81 -17.87
CA ALA A 214 -6.00 11.52 -18.39
C ALA A 214 -7.24 11.05 -17.66
N VAL A 215 -7.34 11.40 -16.38
CA VAL A 215 -8.48 11.02 -15.55
C VAL A 215 -9.74 11.78 -15.92
N PHE A 216 -9.56 13.02 -16.36
CA PHE A 216 -10.69 13.86 -16.72
C PHE A 216 -11.01 14.02 -18.22
N GLU A 217 -10.21 13.39 -19.08
CA GLU A 217 -10.42 13.46 -20.52
C GLU A 217 -11.20 12.26 -21.06
N LEU B 24 15.30 17.58 1.61
CA LEU B 24 16.29 18.57 2.13
C LEU B 24 16.94 19.32 0.97
N ASN B 25 16.10 19.97 0.16
CA ASN B 25 16.54 20.70 -1.04
C ASN B 25 17.56 21.82 -0.82
N ASN B 26 18.52 21.86 -1.72
CA ASN B 26 19.61 22.84 -1.67
C ASN B 26 20.08 23.07 -3.11
N VAL B 27 19.58 22.22 -4.01
CA VAL B 27 19.93 22.29 -5.42
C VAL B 27 19.03 23.29 -6.14
N VAL B 28 17.91 23.62 -5.52
CA VAL B 28 16.94 24.55 -6.08
C VAL B 28 17.14 25.97 -5.57
N PHE B 29 17.31 26.90 -6.49
CA PHE B 29 17.52 28.31 -6.15
C PHE B 29 16.33 28.96 -5.48
N THR B 30 16.63 29.67 -4.38
CA THR B 30 15.63 30.38 -3.60
C THR B 30 15.06 31.52 -4.43
N ASN B 31 13.89 32.05 -4.04
CA ASN B 31 13.29 33.14 -4.80
C ASN B 31 14.15 34.39 -4.62
N LYS B 32 15.00 34.34 -3.61
CA LYS B 32 15.92 35.45 -3.33
C LYS B 32 16.98 35.39 -4.42
N GLU B 33 17.64 34.24 -4.51
CA GLU B 33 18.68 34.00 -5.51
C GLU B 33 18.18 34.30 -6.93
N LEU B 34 16.96 33.87 -7.25
CA LEU B 34 16.40 34.10 -8.57
C LEU B 34 16.21 35.58 -8.84
N GLU B 35 15.83 36.32 -7.81
CA GLU B 35 15.62 37.76 -7.97
C GLU B 35 16.96 38.46 -8.18
N ASP B 36 17.99 37.97 -7.50
CA ASP B 36 19.31 38.55 -7.68
C ASP B 36 19.74 38.43 -9.13
N ILE B 37 19.58 37.24 -9.69
CA ILE B 37 19.93 36.99 -11.08
C ILE B 37 19.11 37.83 -12.06
N TYR B 38 17.84 38.04 -11.77
CA TYR B 38 17.00 38.83 -12.67
C TYR B 38 17.48 40.26 -12.71
N ASN B 39 18.00 40.74 -11.58
CA ASN B 39 18.49 42.11 -11.49
C ASN B 39 19.54 42.47 -12.52
N LEU B 40 20.59 41.66 -12.60
CA LEU B 40 21.66 41.90 -13.56
C LEU B 40 21.19 42.36 -14.94
N SER B 41 19.96 41.98 -15.29
CA SER B 41 19.38 42.36 -16.58
C SER B 41 18.79 43.77 -16.44
N ASN B 42 19.64 44.71 -16.04
CA ASN B 42 19.25 46.10 -15.81
C ASN B 42 19.06 47.01 -17.03
N LYS B 43 19.80 46.78 -18.10
CA LYS B 43 19.63 47.62 -19.28
C LYS B 43 18.18 47.66 -19.71
N GLU B 44 17.84 48.57 -20.62
CA GLU B 44 16.47 48.71 -21.05
C GLU B 44 15.98 47.80 -22.18
N GLU B 45 16.86 47.38 -23.08
CA GLU B 45 16.41 46.52 -24.19
C GLU B 45 16.23 45.11 -23.67
N THR B 46 17.15 44.71 -22.80
CA THR B 46 17.17 43.40 -22.18
C THR B 46 16.04 43.31 -21.17
N LYS B 47 15.02 44.15 -21.36
CA LYS B 47 13.89 44.22 -20.42
C LYS B 47 12.66 43.43 -20.84
N GLU B 48 12.27 43.48 -22.11
CA GLU B 48 11.10 42.73 -22.49
C GLU B 48 11.43 41.26 -22.71
N VAL B 49 12.72 40.95 -22.83
CA VAL B 49 13.17 39.57 -22.98
C VAL B 49 13.24 39.01 -21.56
N LEU B 50 13.66 39.85 -20.64
CA LEU B 50 13.77 39.47 -19.24
C LEU B 50 12.40 39.08 -18.71
N LYS B 51 11.36 39.57 -19.38
CA LYS B 51 9.98 39.25 -18.99
C LYS B 51 9.72 37.79 -19.35
N LEU B 52 10.11 37.42 -20.57
CA LEU B 52 9.97 36.06 -21.09
C LEU B 52 10.82 35.08 -20.27
N PHE B 53 12.07 35.45 -20.03
CA PHE B 53 12.97 34.59 -19.27
C PHE B 53 12.35 34.30 -17.91
N LYS B 54 11.84 35.34 -17.26
CA LYS B 54 11.23 35.17 -15.95
C LYS B 54 10.04 34.22 -16.00
N LEU B 55 9.33 34.24 -17.13
CA LEU B 55 8.19 33.36 -17.30
C LEU B 55 8.67 31.91 -17.44
N LYS B 56 9.68 31.66 -18.28
CA LYS B 56 10.19 30.31 -18.46
C LYS B 56 10.70 29.69 -17.17
N VAL B 57 11.47 30.46 -16.41
CA VAL B 57 12.01 29.94 -15.17
C VAL B 57 10.89 29.49 -14.25
N ASN B 58 9.72 30.12 -14.36
CA ASN B 58 8.61 29.72 -13.50
C ASN B 58 7.99 28.44 -14.00
N GLN B 59 7.77 28.36 -15.31
CA GLN B 59 7.22 27.17 -15.93
C GLN B 59 8.16 26.02 -15.58
N PHE B 60 9.46 26.32 -15.54
CA PHE B 60 10.49 25.34 -15.23
C PHE B 60 10.28 24.77 -13.82
N TYR B 61 10.17 25.64 -12.84
CA TYR B 61 9.96 25.22 -11.47
C TYR B 61 8.69 24.39 -11.35
N ARG B 62 7.60 24.87 -11.94
CA ARG B 62 6.34 24.15 -11.89
C ARG B 62 6.54 22.76 -12.47
N HIS B 63 7.12 22.69 -13.68
CA HIS B 63 7.38 21.44 -14.35
C HIS B 63 8.21 20.51 -13.48
N ALA B 64 9.26 21.05 -12.86
CA ALA B 64 10.15 20.25 -12.01
C ALA B 64 9.45 19.66 -10.79
N PHE B 65 8.74 20.50 -10.05
CA PHE B 65 8.05 20.02 -8.87
C PHE B 65 6.86 19.15 -9.24
N GLY B 66 6.32 19.36 -10.44
CA GLY B 66 5.23 18.52 -10.88
C GLY B 66 5.76 17.10 -10.81
N ILE B 67 6.96 16.90 -11.34
CA ILE B 67 7.60 15.60 -11.34
C ILE B 67 7.78 15.03 -9.94
N VAL B 68 8.16 15.87 -8.98
CA VAL B 68 8.38 15.42 -7.62
C VAL B 68 7.14 15.08 -6.83
N ASN B 69 5.96 15.44 -7.33
CA ASN B 69 4.76 15.08 -6.59
C ASN B 69 3.66 14.49 -7.46
N ASP B 70 4.08 13.88 -8.56
CA ASP B 70 3.18 13.23 -9.50
C ASP B 70 3.91 11.97 -9.99
N TYR B 71 5.15 11.81 -9.55
CA TYR B 71 5.97 10.68 -9.96
C TYR B 71 6.91 10.18 -8.88
N ASN B 72 6.67 10.58 -7.63
CA ASN B 72 7.49 10.13 -6.52
C ASN B 72 7.40 8.62 -6.36
N GLY B 73 6.48 8.00 -7.08
CA GLY B 73 6.35 6.56 -7.01
C GLY B 73 7.39 5.90 -7.90
N LEU B 74 7.98 6.71 -8.77
CA LEU B 74 9.00 6.24 -9.70
C LEU B 74 10.36 6.45 -9.06
N LEU B 75 11.08 5.37 -8.86
CA LEU B 75 12.41 5.42 -8.23
C LEU B 75 13.30 6.50 -8.82
N GLU B 76 13.42 6.49 -10.15
CA GLU B 76 14.27 7.47 -10.83
C GLU B 76 13.77 8.90 -10.83
N TYR B 77 12.80 9.25 -10.00
CA TYR B 77 12.33 10.64 -10.04
C TYR B 77 13.30 11.64 -9.44
N LYS B 78 13.98 11.25 -8.37
CA LYS B 78 14.94 12.13 -7.73
C LYS B 78 16.06 12.48 -8.72
N GLU B 79 16.55 11.48 -9.47
CA GLU B 79 17.60 11.70 -10.47
C GLU B 79 17.17 12.75 -11.46
N ILE B 80 16.00 12.53 -12.06
CA ILE B 80 15.45 13.45 -13.04
C ILE B 80 15.31 14.85 -12.46
N PHE B 81 14.76 14.98 -11.26
CA PHE B 81 14.61 16.30 -10.67
C PHE B 81 15.96 17.01 -10.55
N ASN B 82 16.95 16.31 -10.00
CA ASN B 82 18.30 16.84 -9.81
C ASN B 82 18.98 17.24 -11.10
N MET B 83 18.84 16.43 -12.14
CA MET B 83 19.45 16.77 -13.41
C MET B 83 18.86 18.08 -13.91
N MET B 84 17.56 18.26 -13.69
CA MET B 84 16.91 19.48 -14.12
C MET B 84 17.57 20.69 -13.48
N PHE B 85 17.79 20.66 -12.17
CA PHE B 85 18.41 21.80 -11.53
C PHE B 85 19.92 21.88 -11.75
N LEU B 86 20.57 20.77 -12.05
CA LEU B 86 21.98 20.83 -12.32
C LEU B 86 22.12 21.57 -13.64
N LYS B 87 21.37 21.15 -14.64
CA LYS B 87 21.40 21.78 -15.95
C LYS B 87 20.95 23.23 -15.89
N LEU B 88 20.06 23.54 -14.97
CA LEU B 88 19.58 24.92 -14.86
C LEU B 88 20.68 25.79 -14.28
N SER B 89 21.34 25.31 -13.23
CA SER B 89 22.40 26.09 -12.61
C SER B 89 23.40 26.53 -13.67
N VAL B 90 23.67 25.65 -14.61
CA VAL B 90 24.60 25.97 -15.69
C VAL B 90 24.06 27.12 -16.53
N VAL B 91 22.78 27.09 -16.83
CA VAL B 91 22.18 28.15 -17.61
C VAL B 91 22.25 29.44 -16.81
N PHE B 92 22.14 29.36 -15.49
CA PHE B 92 22.21 30.57 -14.70
C PHE B 92 23.61 31.17 -14.75
N ASP B 93 24.62 30.32 -14.86
CA ASP B 93 26.00 30.78 -14.96
C ASP B 93 26.12 31.70 -16.16
N THR B 94 25.57 31.25 -17.29
CA THR B 94 25.59 32.03 -18.50
C THR B 94 24.90 33.37 -18.23
N GLN B 95 23.64 33.27 -17.87
CA GLN B 95 22.83 34.44 -17.58
C GLN B 95 23.54 35.43 -16.67
N ARG B 96 24.15 34.91 -15.60
CA ARG B 96 24.84 35.77 -14.65
C ARG B 96 25.89 36.66 -15.30
N LYS B 97 26.66 36.12 -16.22
CA LYS B 97 27.69 36.92 -16.88
C LYS B 97 27.35 37.34 -18.30
N GLU B 98 26.06 37.46 -18.61
CA GLU B 98 25.61 37.88 -19.93
C GLU B 98 24.18 38.34 -19.83
N ALA B 99 23.81 38.74 -18.61
CA ALA B 99 22.46 39.20 -18.27
C ALA B 99 21.83 40.24 -19.19
N ASN B 100 22.61 40.81 -20.09
CA ASN B 100 22.06 41.81 -21.01
C ASN B 100 22.17 41.42 -22.48
N ASN B 101 22.67 40.22 -22.72
CA ASN B 101 22.81 39.69 -24.08
C ASN B 101 21.45 39.09 -24.47
N VAL B 102 20.56 39.88 -25.06
CA VAL B 102 19.24 39.35 -25.39
C VAL B 102 19.26 38.14 -26.29
N GLU B 103 20.11 38.10 -27.31
CA GLU B 103 20.11 36.92 -28.15
C GLU B 103 20.52 35.66 -27.39
N GLN B 104 21.34 35.82 -26.35
CA GLN B 104 21.74 34.67 -25.57
C GLN B 104 20.64 34.32 -24.58
N ILE B 105 19.91 35.32 -24.12
CA ILE B 105 18.83 35.04 -23.18
C ILE B 105 17.77 34.26 -23.94
N LYS B 106 17.51 34.65 -25.18
CA LYS B 106 16.54 33.96 -26.00
C LYS B 106 16.95 32.49 -26.09
N ARG B 107 18.22 32.25 -26.36
CA ARG B 107 18.72 30.88 -26.44
C ARG B 107 18.57 30.15 -25.12
N ASN B 108 18.89 30.82 -24.03
CA ASN B 108 18.77 30.19 -22.72
C ASN B 108 17.34 29.75 -22.51
N ILE B 109 16.40 30.56 -22.94
CA ILE B 109 14.99 30.23 -22.81
C ILE B 109 14.74 28.94 -23.56
N ALA B 110 15.39 28.79 -24.71
CA ALA B 110 15.23 27.60 -25.52
C ALA B 110 15.87 26.40 -24.82
N ILE B 111 16.98 26.63 -24.13
CA ILE B 111 17.66 25.58 -23.42
C ILE B 111 16.79 25.08 -22.28
N LEU B 112 16.10 25.98 -21.59
CA LEU B 112 15.25 25.53 -20.49
C LEU B 112 14.18 24.62 -21.07
N ASP B 113 13.64 24.98 -22.23
CA ASP B 113 12.63 24.15 -22.87
C ASP B 113 13.22 22.80 -23.22
N GLU B 114 14.49 22.78 -23.63
CA GLU B 114 15.19 21.55 -23.96
C GLU B 114 15.35 20.70 -22.72
N ILE B 115 15.60 21.34 -21.59
CA ILE B 115 15.80 20.63 -20.33
C ILE B 115 14.53 19.94 -19.90
N MET B 116 13.42 20.64 -19.97
CA MET B 116 12.16 20.03 -19.59
C MET B 116 11.80 18.89 -20.53
N ALA B 117 12.10 19.06 -21.81
CA ALA B 117 11.78 18.03 -22.79
C ALA B 117 12.54 16.74 -22.52
N LYS B 118 13.75 16.83 -21.99
CA LYS B 118 14.51 15.63 -21.71
C LYS B 118 13.99 14.99 -20.43
N ALA B 119 13.59 15.80 -19.46
CA ALA B 119 13.06 15.29 -18.21
C ALA B 119 11.84 14.44 -18.56
N ASP B 120 10.99 14.96 -19.45
CA ASP B 120 9.81 14.22 -19.85
C ASP B 120 10.21 12.95 -20.59
N ASN B 121 11.29 13.01 -21.36
CA ASN B 121 11.73 11.83 -22.08
C ASN B 121 12.19 10.78 -21.10
N ASP B 122 12.94 11.20 -20.08
CA ASP B 122 13.44 10.29 -19.04
C ASP B 122 12.27 9.64 -18.32
N LEU B 123 11.30 10.46 -17.95
CA LEU B 123 10.11 10.00 -17.25
C LEU B 123 9.44 8.87 -18.04
N SER B 124 9.38 9.04 -19.34
CA SER B 124 8.74 8.05 -20.20
C SER B 124 9.60 6.82 -20.35
N TYR B 125 10.89 7.00 -20.59
CA TYR B 125 11.77 5.89 -20.77
C TYR B 125 11.64 4.92 -19.60
N PHE B 126 11.79 5.43 -18.38
CA PHE B 126 11.72 4.60 -17.19
C PHE B 126 10.37 3.94 -17.03
N ILE B 127 9.29 4.73 -17.09
CA ILE B 127 7.97 4.18 -16.95
C ILE B 127 7.71 3.04 -17.92
N SER B 128 8.29 3.12 -19.11
CA SER B 128 8.10 2.10 -20.13
C SER B 128 9.07 0.94 -19.97
N GLN B 129 10.12 1.15 -19.20
CA GLN B 129 11.10 0.09 -18.99
C GLN B 129 10.70 -0.76 -17.80
N ASN B 130 9.71 -0.32 -17.04
CA ASN B 130 9.31 -1.08 -15.88
C ASN B 130 8.10 -1.95 -16.08
N LYS B 131 8.36 -2.92 -16.94
CA LYS B 131 7.39 -3.92 -17.31
C LYS B 131 5.91 -3.55 -17.25
N ASN B 132 5.33 -3.69 -16.06
CA ASN B 132 3.91 -3.42 -15.88
C ASN B 132 3.58 -2.02 -15.40
N PHE B 133 4.53 -1.10 -15.52
CA PHE B 133 4.31 0.27 -15.08
C PHE B 133 3.27 0.99 -15.93
N GLN B 134 3.27 0.74 -17.23
CA GLN B 134 2.28 1.36 -18.09
C GLN B 134 0.89 0.82 -17.72
N GLU B 135 0.79 -0.50 -17.61
CA GLU B 135 -0.46 -1.15 -17.29
C GLU B 135 -1.02 -0.65 -15.96
N LEU B 136 -0.19 -0.60 -14.93
CA LEU B 136 -0.64 -0.14 -13.63
C LEU B 136 -1.12 1.32 -13.70
N TRP B 137 -0.44 2.14 -14.49
CA TRP B 137 -0.84 3.54 -14.66
C TRP B 137 -2.23 3.60 -15.28
N ASP B 138 -2.42 2.92 -16.41
CA ASP B 138 -3.72 2.92 -17.02
C ASP B 138 -4.77 2.47 -16.01
N LYS B 139 -4.51 1.37 -15.31
CA LYS B 139 -5.44 0.87 -14.32
C LYS B 139 -5.78 1.89 -13.25
N ALA B 140 -4.78 2.60 -12.75
CA ALA B 140 -5.02 3.61 -11.73
C ALA B 140 -5.88 4.71 -12.35
N VAL B 141 -5.64 5.02 -13.62
CA VAL B 141 -6.45 6.04 -14.31
C VAL B 141 -7.88 5.54 -14.41
N LYS B 142 -8.04 4.30 -14.88
CA LYS B 142 -9.34 3.69 -15.05
C LYS B 142 -10.14 3.62 -13.75
N LEU B 143 -9.51 3.19 -12.66
CA LEU B 143 -10.21 3.08 -11.38
C LEU B 143 -10.53 4.46 -10.84
N THR B 144 -9.65 5.42 -11.09
CA THR B 144 -9.86 6.79 -10.62
C THR B 144 -11.13 7.33 -11.30
N LYS B 145 -11.18 7.22 -12.62
CA LYS B 145 -12.35 7.68 -13.35
C LYS B 145 -13.57 7.09 -12.66
N GLU B 146 -13.53 5.80 -12.37
CA GLU B 146 -14.63 5.13 -11.72
C GLU B 146 -14.90 5.70 -10.32
N MET B 147 -13.87 6.19 -9.64
CA MET B 147 -14.03 6.76 -8.31
C MET B 147 -14.91 8.01 -8.38
N LYS B 148 -14.95 8.62 -9.55
CA LYS B 148 -15.74 9.82 -9.80
C LYS B 148 -17.17 9.43 -9.49
N ILE B 149 -17.59 8.35 -10.16
CA ILE B 149 -18.93 7.77 -10.02
C ILE B 149 -19.19 7.33 -8.59
N LYS B 150 -18.41 6.36 -8.14
CA LYS B 150 -18.55 5.79 -6.81
C LYS B 150 -18.54 6.78 -5.65
N LEU B 151 -17.64 7.75 -5.68
CA LEU B 151 -17.55 8.73 -4.60
C LEU B 151 -18.52 9.91 -4.68
N LYS B 152 -19.22 10.06 -5.80
CA LYS B 152 -20.16 11.16 -5.98
C LYS B 152 -20.99 11.40 -4.72
N GLY B 153 -20.80 12.55 -4.11
CA GLY B 153 -21.55 12.89 -2.91
C GLY B 153 -21.39 11.88 -1.81
N GLN B 154 -20.15 11.47 -1.55
CA GLN B 154 -19.88 10.51 -0.49
C GLN B 154 -19.19 11.25 0.64
N LYS B 155 -18.98 12.55 0.39
CA LYS B 155 -18.30 13.44 1.33
C LYS B 155 -17.17 12.76 2.09
N LEU B 156 -16.21 12.25 1.31
CA LEU B 156 -15.04 11.60 1.85
C LEU B 156 -14.10 12.71 2.32
N ASP B 157 -13.55 12.57 3.52
CA ASP B 157 -12.67 13.61 4.02
C ASP B 157 -11.74 13.09 5.12
N LEU B 158 -10.62 12.50 4.70
CA LEU B 158 -9.66 11.97 5.65
C LEU B 158 -8.24 12.01 5.06
N ARG B 159 -7.27 12.32 5.91
CA ARG B 159 -5.87 12.40 5.52
C ARG B 159 -5.11 11.17 5.97
N ASP B 160 -4.26 10.66 5.09
CA ASP B 160 -3.44 9.47 5.34
C ASP B 160 -3.39 8.71 4.02
N GLY B 161 -2.29 7.99 3.79
CA GLY B 161 -2.21 7.18 2.59
C GLY B 161 -3.05 5.98 2.92
N GLU B 162 -3.10 5.69 4.23
CA GLU B 162 -3.86 4.59 4.79
C GLU B 162 -5.31 4.72 4.35
N VAL B 163 -5.97 5.73 4.92
CA VAL B 163 -7.35 6.00 4.61
C VAL B 163 -7.60 5.99 3.10
N ALA B 164 -6.72 6.66 2.36
CA ALA B 164 -6.85 6.72 0.92
C ALA B 164 -6.80 5.32 0.31
N ILE B 165 -5.80 4.56 0.69
CA ILE B 165 -5.61 3.22 0.16
C ILE B 165 -6.72 2.28 0.65
N ASN B 166 -7.18 2.45 1.88
CA ASN B 166 -8.25 1.60 2.41
C ASN B 166 -9.50 1.83 1.57
N LYS B 167 -9.74 3.08 1.18
CA LYS B 167 -10.89 3.42 0.36
C LYS B 167 -10.84 2.63 -0.95
N VAL B 168 -9.69 2.63 -1.58
CA VAL B 168 -9.51 1.92 -2.84
C VAL B 168 -9.88 0.44 -2.66
N ARG B 169 -9.43 -0.15 -1.55
CA ARG B 169 -9.69 -1.56 -1.24
C ARG B 169 -11.19 -1.74 -1.11
N GLU B 170 -11.79 -0.87 -0.32
CA GLU B 170 -13.22 -0.87 -0.02
C GLU B 170 -14.08 -0.71 -1.27
N LEU B 171 -13.57 -0.02 -2.29
CA LEU B 171 -14.35 0.17 -3.50
C LEU B 171 -14.07 -0.86 -4.59
N PHE B 172 -12.82 -1.29 -4.72
CA PHE B 172 -12.45 -2.24 -5.76
C PHE B 172 -11.84 -3.54 -5.26
N GLY B 173 -12.20 -3.97 -4.07
CA GLY B 173 -11.64 -5.19 -3.50
C GLY B 173 -11.58 -6.39 -4.43
N SER B 174 -12.38 -6.34 -5.50
CA SER B 174 -12.42 -7.44 -6.45
C SER B 174 -11.50 -7.27 -7.67
N ASP B 175 -10.92 -6.10 -7.83
CA ASP B 175 -10.02 -5.83 -8.94
C ASP B 175 -8.72 -6.64 -8.81
N LYS B 176 -8.29 -7.27 -9.89
CA LYS B 176 -7.07 -8.07 -9.85
C LYS B 176 -5.86 -7.32 -9.34
N ASN B 177 -5.66 -6.10 -9.81
CA ASN B 177 -4.51 -5.33 -9.38
C ASN B 177 -4.57 -4.82 -7.96
N VAL B 178 -5.71 -4.25 -7.55
CA VAL B 178 -5.76 -3.75 -6.16
C VAL B 178 -5.77 -4.94 -5.18
N LYS B 179 -6.14 -6.12 -5.70
CA LYS B 179 -6.15 -7.33 -4.89
C LYS B 179 -4.71 -7.69 -4.56
N GLU B 180 -3.90 -7.83 -5.61
CA GLU B 180 -2.49 -8.15 -5.44
C GLU B 180 -1.83 -7.10 -4.56
N LEU B 181 -2.14 -5.83 -4.78
CA LEU B 181 -1.55 -4.78 -3.98
C LEU B 181 -1.92 -4.92 -2.51
N TRP B 182 -3.18 -5.21 -2.24
CA TRP B 182 -3.61 -5.33 -0.85
C TRP B 182 -3.03 -6.55 -0.13
N TRP B 183 -2.92 -7.67 -0.85
CA TRP B 183 -2.38 -8.91 -0.30
C TRP B 183 -0.89 -8.74 0.04
N PHE B 184 -0.09 -8.36 -0.95
CA PHE B 184 1.33 -8.14 -0.76
C PHE B 184 1.55 -7.04 0.28
N ARG B 185 0.67 -6.05 0.30
CA ARG B 185 0.82 -4.98 1.26
C ARG B 185 0.64 -5.50 2.68
N SER B 186 -0.45 -6.21 2.90
CA SER B 186 -0.76 -6.76 4.22
C SER B 186 0.38 -7.59 4.77
N LEU B 187 0.98 -8.43 3.91
CA LEU B 187 2.09 -9.26 4.35
C LEU B 187 3.30 -8.39 4.73
N LEU B 188 3.66 -7.46 3.85
CA LEU B 188 4.79 -6.58 4.12
C LEU B 188 4.64 -5.87 5.47
N VAL B 189 3.49 -5.25 5.69
CA VAL B 189 3.25 -4.53 6.93
C VAL B 189 3.38 -5.47 8.13
N LYS B 190 2.81 -6.65 7.99
CA LYS B 190 2.86 -7.67 9.02
C LYS B 190 4.31 -8.01 9.30
N GLY B 191 5.09 -8.11 8.21
CA GLY B 191 6.49 -8.44 8.33
C GLY B 191 7.35 -7.42 9.03
N VAL B 192 7.10 -6.12 8.85
CA VAL B 192 7.93 -5.13 9.51
C VAL B 192 7.50 -4.94 10.95
N TYR B 193 6.24 -5.24 11.24
CA TYR B 193 5.75 -5.10 12.61
C TYR B 193 6.31 -6.21 13.48
N LEU B 194 6.35 -7.42 12.95
CA LEU B 194 6.84 -8.52 13.76
C LEU B 194 8.35 -8.44 13.95
N ILE B 195 9.09 -8.07 12.91
CA ILE B 195 10.52 -7.95 13.10
C ILE B 195 10.78 -6.87 14.14
N LYS B 196 9.95 -5.83 14.15
CA LYS B 196 10.08 -4.77 15.13
C LYS B 196 9.89 -5.36 16.52
N ARG B 197 8.84 -6.18 16.66
CA ARG B 197 8.55 -6.83 17.93
C ARG B 197 9.74 -7.68 18.32
N TYR B 198 10.21 -8.47 17.37
CA TYR B 198 11.35 -9.33 17.58
C TYR B 198 12.48 -8.54 18.25
N TYR B 199 12.88 -7.42 17.65
CA TYR B 199 13.96 -6.62 18.21
C TYR B 199 13.58 -5.78 19.41
N GLU B 200 12.38 -6.00 19.93
CA GLU B 200 11.96 -5.29 21.12
C GLU B 200 11.89 -6.35 22.20
N GLY B 201 12.63 -7.44 21.98
CA GLY B 201 12.66 -8.54 22.93
C GLY B 201 11.32 -9.22 22.90
N ASP B 202 11.25 -10.40 22.29
CA ASP B 202 9.97 -11.07 22.20
C ASP B 202 10.10 -12.55 21.93
N ILE B 203 10.43 -12.87 20.68
CA ILE B 203 10.53 -14.24 20.20
C ILE B 203 9.31 -15.05 20.64
N GLU B 204 9.32 -16.35 20.38
CA GLU B 204 8.17 -17.18 20.70
C GLU B 204 7.20 -16.79 19.57
N LEU B 205 7.63 -15.80 18.80
CA LEU B 205 6.88 -15.28 17.67
C LEU B 205 6.85 -16.29 16.53
N ALA B 206 7.86 -17.13 16.48
CA ALA B 206 7.95 -18.15 15.45
C ALA B 206 6.67 -19.00 15.36
N THR B 207 5.75 -18.80 16.31
CA THR B 207 4.49 -19.56 16.33
C THR B 207 3.30 -18.63 16.58
N THR B 208 3.36 -17.44 15.99
CA THR B 208 2.33 -16.42 16.11
C THR B 208 1.41 -16.45 14.89
N SER B 209 1.90 -17.10 13.83
CA SER B 209 1.17 -17.22 12.57
C SER B 209 2.04 -18.02 11.61
N ASP B 210 1.44 -18.50 10.53
CA ASP B 210 2.17 -19.28 9.54
C ASP B 210 3.22 -18.43 8.88
N PHE B 211 2.93 -17.13 8.79
CA PHE B 211 3.85 -16.17 8.18
C PHE B 211 5.09 -16.04 9.04
N ALA B 212 4.90 -15.78 10.33
CA ALA B 212 6.02 -15.63 11.24
C ALA B 212 6.84 -16.91 11.30
N LYS B 213 6.16 -18.06 11.24
CA LYS B 213 6.88 -19.31 11.30
C LYS B 213 7.80 -19.44 10.09
N ALA B 214 7.28 -19.10 8.91
CA ALA B 214 8.08 -19.17 7.69
C ALA B 214 9.19 -18.13 7.68
N VAL B 215 8.94 -17.00 8.33
CA VAL B 215 9.91 -15.92 8.41
C VAL B 215 11.07 -16.26 9.34
N PHE B 216 10.79 -17.04 10.36
CA PHE B 216 11.81 -17.42 11.34
C PHE B 216 12.41 -18.82 11.19
N GLU B 217 11.95 -19.59 10.21
CA GLU B 217 12.48 -20.93 10.01
C GLU B 217 13.51 -21.01 8.89
P PO4 C . 0.65 -20.30 1.34
O1 PO4 C . 0.25 -21.14 2.51
O2 PO4 C . 1.91 -20.83 0.75
O3 PO4 C . -0.43 -20.34 0.32
O4 PO4 C . 0.86 -18.91 1.79
P PO4 D . 5.11 16.65 -16.12
O1 PO4 D . 5.68 17.74 -15.30
O2 PO4 D . 5.77 15.37 -15.76
O3 PO4 D . 3.65 16.54 -15.86
O4 PO4 D . 5.33 16.93 -17.56
P PO4 E . 0.27 -5.22 -8.79
O1 PO4 E . 0.39 -4.24 -7.65
O2 PO4 E . 0.95 -6.48 -8.43
O3 PO4 E . -1.17 -5.48 -9.06
O4 PO4 E . 0.90 -4.64 -10.00
#